data_1LDP
#
_entry.id   1LDP
#
_cell.length_a   72.400
_cell.length_b   48.980
_cell.length_c   84.060
_cell.angle_alpha   90.00
_cell.angle_beta   97.95
_cell.angle_gamma   90.00
#
_symmetry.space_group_name_H-M   'P 1 2 1'
#
loop_
_entity.id
_entity.type
_entity.pdbx_description
1 polymer 'MHC CLASS I H-2LD'
2 polymer 'MHC CLASS I H-2LD'
3 polymer PEPTIDE
4 polymer PEPTIDE
5 branched 2-acetamido-2-deoxy-alpha-D-glucopyranose-(1-4)-2-acetamido-2-deoxy-beta-D-glucopyranose
6 non-polymer 2-acetamido-2-deoxy-beta-D-glucopyranose
#
loop_
_entity_poly.entity_id
_entity_poly.type
_entity_poly.pdbx_seq_one_letter_code
_entity_poly.pdbx_strand_id
1 'polypeptide(L)'
;GPHSMRYFETAVSRPGLGEPRYISVGYVDNKEFVRFDSDAENPRYEPQAPWMEQEGPEYWERITQIAKGQEQWFRVNLRT
LLGYYNQSAGGTHTLQWMYGCDVGSDGRLLRGYEQFAYDGCDYIALNEDLKTWTAADMAAQITRRKWEQAGAAEYYRAYL
EGECVEWLHRYLKNGNATLLRTDSPKAHVTHHPRSKGEVTLRCWALGFYPADITLTWQLNGEELTQDMELVETRPAGDGT
FQKWASVVVPLGKEQNYTCRVYHEGLPEPLTL
;
H
2 'polypeptide(L)'
;IQKTPQIQVYSRHPPENGKPNILNCYVTQFHPPHIEIQMLKNGKKIPKVEMSDMSFSKDWSFYILAHTEFTPTETDTYAC
RVKHDSMAEPKTVYWDRDM
;
L
3 'polypeptide(L)' APAAAAAAM P
4 'polypeptide(L)' QLSPFPFDL Q
#
# COMPACT_ATOMS: atom_id res chain seq x y z
N GLY A 1 -12.70 3.70 16.40
CA GLY A 1 -13.14 2.40 17.01
C GLY A 1 -12.06 1.35 16.83
N PRO A 2 -12.41 0.14 16.38
CA PRO A 2 -11.53 -1.00 16.15
C PRO A 2 -10.26 -0.67 15.37
N HIS A 3 -9.28 -1.56 15.42
CA HIS A 3 -8.01 -1.24 14.77
C HIS A 3 -7.35 -2.46 14.20
N SER A 4 -6.17 -2.24 13.60
CA SER A 4 -5.41 -3.33 13.02
C SER A 4 -3.96 -2.94 12.98
N MET A 5 -3.09 -3.85 13.38
CA MET A 5 -1.64 -3.63 13.31
C MET A 5 -1.17 -4.80 12.44
N ARG A 6 -0.56 -4.49 11.30
CA ARG A 6 -0.12 -5.50 10.37
C ARG A 6 1.30 -5.21 9.96
N TYR A 7 2.03 -6.25 9.51
CA TYR A 7 3.42 -6.11 9.03
C TYR A 7 3.53 -6.73 7.64
N PHE A 8 4.14 -6.06 6.66
CA PHE A 8 4.27 -6.64 5.30
C PHE A 8 5.73 -6.74 4.86
N GLU A 9 6.45 -7.79 5.26
CA GLU A 9 7.85 -7.91 4.86
C GLU A 9 8.12 -8.73 3.57
N THR A 10 8.93 -8.21 2.66
CA THR A 10 9.19 -8.89 1.42
C THR A 10 10.67 -9.22 1.18
N ALA A 11 10.93 -10.12 0.21
CA ALA A 11 12.29 -10.54 -0.19
C ALA A 11 12.40 -10.63 -1.71
N VAL A 12 13.40 -9.96 -2.27
CA VAL A 12 13.65 -9.99 -3.72
C VAL A 12 14.99 -10.69 -4.03
N SER A 13 14.95 -11.69 -4.89
CA SER A 13 16.16 -12.46 -5.25
C SER A 13 17.21 -11.82 -6.16
N ARG A 14 18.43 -11.74 -5.65
CA ARG A 14 19.54 -11.18 -6.42
C ARG A 14 20.72 -12.16 -6.44
N PRO A 15 20.44 -13.40 -6.87
CA PRO A 15 21.44 -14.47 -6.95
C PRO A 15 22.83 -13.99 -7.35
N GLY A 16 22.97 -13.62 -8.61
CA GLY A 16 24.26 -13.17 -9.10
C GLY A 16 24.85 -12.01 -8.33
N LEU A 17 24.00 -11.03 -8.00
CA LEU A 17 24.41 -9.82 -7.29
C LEU A 17 25.03 -10.06 -5.93
N GLY A 18 24.41 -10.93 -5.13
CA GLY A 18 24.97 -11.23 -3.82
C GLY A 18 24.07 -11.43 -2.62
N GLU A 19 22.88 -10.85 -2.62
CA GLU A 19 22.00 -11.02 -1.46
C GLU A 19 20.58 -10.50 -1.69
N PRO A 20 19.57 -11.21 -1.18
CA PRO A 20 18.21 -10.71 -1.38
C PRO A 20 18.06 -9.47 -0.52
N ARG A 21 17.14 -8.60 -0.91
CA ARG A 21 16.88 -7.35 -0.22
C ARG A 21 15.59 -7.41 0.62
N TYR A 22 15.63 -8.23 1.67
CA TYR A 22 14.51 -8.37 2.59
C TYR A 22 14.18 -6.99 3.20
N ILE A 23 12.96 -6.53 2.99
CA ILE A 23 12.49 -5.23 3.49
C ILE A 23 11.21 -5.43 4.29
N SER A 24 11.17 -4.94 5.52
CA SER A 24 9.97 -5.08 6.35
C SER A 24 9.35 -3.71 6.52
N VAL A 25 8.07 -3.68 6.92
CA VAL A 25 7.32 -2.44 7.10
C VAL A 25 6.24 -2.69 8.12
N GLY A 26 5.79 -1.67 8.84
CA GLY A 26 4.73 -1.91 9.82
C GLY A 26 3.58 -0.92 9.83
N TYR A 27 2.34 -1.38 9.94
CA TYR A 27 1.18 -0.46 9.89
C TYR A 27 0.23 -0.58 11.09
N VAL A 28 -0.41 0.52 11.49
CA VAL A 28 -1.41 0.60 12.56
C VAL A 28 -2.52 1.39 11.89
N ASP A 29 -3.55 0.69 11.45
CA ASP A 29 -4.66 1.36 10.75
C ASP A 29 -4.19 2.08 9.50
N ASN A 30 -3.72 1.34 8.50
CA ASN A 30 -3.31 2.01 7.26
C ASN A 30 -2.18 3.05 7.46
N LYS A 31 -1.63 3.21 8.67
CA LYS A 31 -0.55 4.18 8.93
C LYS A 31 0.84 3.54 9.20
N GLU A 32 1.81 3.78 8.31
CA GLU A 32 3.13 3.16 8.41
C GLU A 32 4.03 3.65 9.53
N PHE A 33 4.43 2.82 10.48
CA PHE A 33 5.31 3.36 11.51
C PHE A 33 6.76 2.86 11.62
N VAL A 34 7.11 1.74 10.97
CA VAL A 34 8.50 1.23 11.00
C VAL A 34 8.85 0.50 9.73
N ARG A 35 10.07 0.71 9.24
CA ARG A 35 10.48 0.00 8.05
C ARG A 35 11.93 -0.37 8.16
N PHE A 36 12.21 -1.58 7.72
CA PHE A 36 13.57 -2.07 7.73
C PHE A 36 14.02 -2.11 6.27
N ASP A 37 15.29 -2.32 5.97
CA ASP A 37 15.64 -2.29 4.57
C ASP A 37 17.05 -2.84 4.41
N SER A 38 17.10 -4.15 4.23
CA SER A 38 18.35 -4.87 4.10
C SER A 38 19.30 -4.48 2.98
N ASP A 39 19.26 -3.24 2.53
CA ASP A 39 20.21 -2.86 1.50
C ASP A 39 20.91 -1.59 1.98
N ALA A 40 20.46 -1.05 3.11
CA ALA A 40 21.05 0.18 3.61
C ALA A 40 22.44 -0.02 4.24
N GLU A 41 23.27 1.02 4.14
CA GLU A 41 24.65 1.02 4.68
C GLU A 41 24.67 0.47 6.12
N ASN A 42 23.58 0.76 6.87
CA ASN A 42 23.40 0.29 8.23
C ASN A 42 21.98 -0.18 8.36
N PRO A 43 21.76 -1.49 8.52
CA PRO A 43 20.40 -1.99 8.64
C PRO A 43 19.87 -1.51 9.97
N ARG A 44 18.78 -0.75 9.96
CA ARG A 44 18.19 -0.19 11.18
C ARG A 44 16.69 -0.01 11.02
N TYR A 45 15.93 -0.34 12.06
CA TYR A 45 14.48 -0.14 12.02
C TYR A 45 14.10 1.32 12.43
N GLU A 46 14.14 2.22 11.43
CA GLU A 46 13.87 3.65 11.62
C GLU A 46 12.41 4.00 11.76
N PRO A 47 12.08 4.93 12.69
CA PRO A 47 10.70 5.35 12.94
C PRO A 47 10.18 6.24 11.82
N GLN A 48 8.96 5.94 11.42
CA GLN A 48 8.26 6.64 10.37
C GLN A 48 7.35 7.58 11.08
N ALA A 49 6.46 7.03 11.88
CA ALA A 49 5.58 7.84 12.65
C ALA A 49 6.51 8.65 13.58
N PRO A 50 6.01 9.76 14.14
CA PRO A 50 6.76 10.63 15.05
C PRO A 50 6.73 10.01 16.43
N TRP A 51 5.56 9.52 16.79
CA TRP A 51 5.30 8.90 18.08
C TRP A 51 6.12 7.66 18.47
N MET A 52 7.00 7.23 17.55
CA MET A 52 7.86 6.07 17.76
C MET A 52 9.29 6.49 18.12
N GLU A 53 9.51 7.79 18.34
CA GLU A 53 10.84 8.25 18.72
C GLU A 53 10.94 8.08 20.20
N GLN A 54 9.83 8.34 20.88
CA GLN A 54 9.74 8.27 22.33
C GLN A 54 9.98 6.86 22.96
N GLU A 55 10.45 5.89 22.21
CA GLU A 55 10.63 4.55 22.76
C GLU A 55 11.94 4.31 23.48
N GLY A 56 13.02 4.50 22.75
CA GLY A 56 14.33 4.26 23.32
C GLY A 56 15.06 3.22 22.51
N PRO A 57 16.39 3.06 22.75
CA PRO A 57 17.34 2.14 22.11
C PRO A 57 17.17 0.72 22.65
N GLU A 58 16.57 0.62 23.83
CA GLU A 58 16.29 -0.66 24.50
C GLU A 58 15.39 -1.46 23.55
N TYR A 59 14.44 -0.74 22.93
CA TYR A 59 13.43 -1.26 21.99
C TYR A 59 13.85 -1.21 20.53
N TRP A 60 14.82 -0.36 20.21
CA TRP A 60 15.30 -0.24 18.86
C TRP A 60 16.31 -1.28 18.52
N GLU A 61 16.89 -1.91 19.55
CA GLU A 61 17.88 -2.99 19.39
C GLU A 61 17.12 -4.30 19.27
N ARG A 62 16.34 -4.57 20.34
CA ARG A 62 15.54 -5.77 20.49
C ARG A 62 14.85 -6.08 19.17
N ILE A 63 14.63 -5.06 18.35
CA ILE A 63 14.00 -5.21 17.03
C ILE A 63 14.98 -5.63 15.94
N THR A 64 15.97 -4.81 15.62
CA THR A 64 16.99 -5.10 14.57
C THR A 64 17.58 -6.57 14.56
N GLN A 65 17.39 -7.27 15.69
CA GLN A 65 17.84 -8.66 15.80
C GLN A 65 16.77 -9.48 15.09
N ILE A 66 15.53 -9.34 15.55
CA ILE A 66 14.43 -10.09 14.94
C ILE A 66 14.58 -9.86 13.46
N ALA A 67 14.97 -8.66 13.08
CA ALA A 67 15.13 -8.33 11.68
C ALA A 67 16.10 -9.20 10.95
N LYS A 68 17.37 -9.12 11.29
CA LYS A 68 18.39 -9.91 10.63
C LYS A 68 18.10 -11.40 10.67
N GLY A 69 17.48 -11.83 11.75
CA GLY A 69 17.11 -13.23 11.85
C GLY A 69 16.15 -13.63 10.75
N GLN A 70 15.00 -12.99 10.68
CA GLN A 70 14.05 -13.32 9.63
C GLN A 70 14.78 -13.16 8.30
N GLU A 71 15.77 -12.27 8.21
CA GLU A 71 16.49 -12.08 6.95
C GLU A 71 16.98 -13.45 6.56
N GLN A 72 17.56 -14.14 7.55
CA GLN A 72 18.08 -15.47 7.30
C GLN A 72 16.92 -16.31 6.82
N TRP A 73 15.86 -16.38 7.61
CA TRP A 73 14.69 -17.17 7.25
C TRP A 73 14.26 -16.91 5.77
N PHE A 74 14.06 -15.65 5.38
CA PHE A 74 13.68 -15.35 3.99
C PHE A 74 14.76 -15.77 3.00
N ARG A 75 15.98 -15.98 3.48
CA ARG A 75 17.03 -16.40 2.59
C ARG A 75 17.00 -17.91 2.42
N VAL A 76 17.28 -18.59 3.54
CA VAL A 76 17.32 -20.06 3.66
C VAL A 76 16.11 -20.56 2.93
N ASN A 77 14.96 -20.08 3.38
CA ASN A 77 13.71 -20.44 2.78
C ASN A 77 13.72 -20.28 1.24
N LEU A 78 13.59 -19.04 0.78
CA LEU A 78 13.53 -18.69 -0.63
C LEU A 78 14.24 -19.70 -1.55
N ARG A 79 15.38 -20.23 -1.10
CA ARG A 79 16.20 -21.19 -1.86
C ARG A 79 15.61 -22.59 -2.00
N THR A 80 15.05 -23.09 -0.91
CA THR A 80 14.43 -24.42 -0.87
C THR A 80 13.34 -24.46 -1.91
N LEU A 81 12.66 -23.32 -2.04
CA LEU A 81 11.58 -23.18 -2.99
C LEU A 81 11.90 -23.34 -4.50
N LEU A 82 13.09 -22.94 -4.98
CA LEU A 82 13.43 -23.15 -6.41
C LEU A 82 13.59 -24.66 -6.60
N GLY A 83 13.89 -25.35 -5.51
CA GLY A 83 13.99 -26.78 -5.51
C GLY A 83 12.55 -27.26 -5.69
N TYR A 84 11.64 -26.83 -4.82
CA TYR A 84 10.24 -27.26 -4.98
C TYR A 84 9.70 -26.94 -6.38
N TYR A 85 9.87 -25.71 -6.85
CA TYR A 85 9.36 -25.30 -8.16
C TYR A 85 10.28 -25.62 -9.34
N ASN A 86 11.25 -26.50 -9.09
CA ASN A 86 12.23 -26.96 -10.07
C ASN A 86 12.64 -25.90 -11.09
N GLN A 87 12.90 -24.71 -10.55
CA GLN A 87 13.27 -23.54 -11.33
C GLN A 87 14.76 -23.31 -11.19
N SER A 88 15.47 -23.20 -12.29
CA SER A 88 16.92 -22.99 -12.23
C SER A 88 17.34 -21.67 -11.51
N ALA A 89 18.30 -21.78 -10.59
CA ALA A 89 18.81 -20.64 -9.79
C ALA A 89 19.21 -19.44 -10.63
N GLY A 90 18.25 -18.54 -10.84
CA GLY A 90 18.51 -17.35 -11.64
C GLY A 90 17.32 -16.42 -11.77
N GLY A 91 16.13 -16.99 -11.85
CA GLY A 91 14.94 -16.18 -11.97
C GLY A 91 14.57 -15.48 -10.68
N THR A 92 14.61 -14.14 -10.68
CA THR A 92 14.25 -13.36 -9.49
C THR A 92 12.94 -13.83 -8.89
N HIS A 93 12.87 -13.78 -7.58
CA HIS A 93 11.69 -14.22 -6.86
C HIS A 93 11.15 -13.20 -5.86
N THR A 94 10.11 -13.59 -5.14
CA THR A 94 9.51 -12.75 -4.13
C THR A 94 8.69 -13.58 -3.17
N LEU A 95 9.26 -13.74 -2.00
CA LEU A 95 8.59 -14.41 -0.92
C LEU A 95 7.98 -13.32 -0.07
N GLN A 96 6.69 -13.35 0.19
CA GLN A 96 6.11 -12.28 0.97
C GLN A 96 5.44 -12.80 2.22
N TRP A 97 5.23 -11.93 3.18
CA TRP A 97 4.64 -12.33 4.43
C TRP A 97 3.87 -11.15 5.05
N MET A 98 2.71 -11.43 5.61
CA MET A 98 1.91 -10.40 6.27
C MET A 98 1.26 -10.99 7.50
N TYR A 99 1.16 -10.21 8.57
CA TYR A 99 0.57 -10.66 9.83
C TYR A 99 0.13 -9.52 10.74
N GLY A 100 -0.67 -9.84 11.75
CA GLY A 100 -1.16 -8.83 12.67
C GLY A 100 -2.48 -9.22 13.30
N CYS A 101 -3.02 -8.32 14.12
CA CYS A 101 -4.27 -8.61 14.83
C CYS A 101 -5.26 -7.45 14.71
N ASP A 102 -6.55 -7.74 14.66
CA ASP A 102 -7.55 -6.69 14.54
C ASP A 102 -8.34 -6.64 15.81
N VAL A 103 -8.26 -5.52 16.52
CA VAL A 103 -8.99 -5.38 17.78
C VAL A 103 -10.25 -4.50 17.80
N GLY A 104 -11.31 -5.04 18.40
CA GLY A 104 -12.55 -4.28 18.46
C GLY A 104 -12.47 -3.18 19.51
N SER A 105 -13.14 -2.05 19.25
CA SER A 105 -13.17 -0.90 20.16
C SER A 105 -13.36 -1.38 21.59
N ASP A 106 -14.08 -2.48 21.72
CA ASP A 106 -14.34 -3.10 23.01
C ASP A 106 -13.03 -3.40 23.75
N GLY A 107 -12.06 -3.97 23.01
CA GLY A 107 -10.77 -4.32 23.59
C GLY A 107 -10.21 -5.67 23.18
N ARG A 108 -11.10 -6.67 23.11
CA ARG A 108 -10.74 -8.03 22.72
C ARG A 108 -10.39 -8.12 21.22
N LEU A 109 -9.62 -9.16 20.86
CA LEU A 109 -9.20 -9.42 19.48
C LEU A 109 -10.39 -9.93 18.68
N LEU A 110 -10.42 -9.59 17.38
CA LEU A 110 -11.54 -9.97 16.51
C LEU A 110 -11.09 -10.98 15.48
N ARG A 111 -9.92 -10.79 14.89
CA ARG A 111 -9.42 -11.74 13.90
C ARG A 111 -7.93 -11.53 13.66
N GLY A 112 -7.20 -12.60 13.35
CA GLY A 112 -5.77 -12.48 13.07
C GLY A 112 -5.40 -13.41 11.92
N TYR A 113 -4.44 -13.01 11.10
CA TYR A 113 -4.04 -13.88 10.00
C TYR A 113 -2.54 -13.79 9.68
N GLU A 114 -2.04 -14.79 8.95
CA GLU A 114 -0.66 -14.85 8.51
C GLU A 114 -0.72 -15.42 7.09
N GLN A 115 0.08 -14.86 6.19
CA GLN A 115 0.07 -15.31 4.81
C GLN A 115 1.42 -15.22 4.10
N PHE A 116 1.75 -16.25 3.35
CA PHE A 116 3.00 -16.29 2.60
C PHE A 116 2.61 -16.43 1.16
N ALA A 117 3.46 -15.89 0.29
CA ALA A 117 3.23 -15.92 -1.14
C ALA A 117 4.59 -15.95 -1.77
N TYR A 118 4.70 -16.65 -2.90
CA TYR A 118 5.96 -16.82 -3.60
C TYR A 118 5.74 -16.42 -5.04
N ASP A 119 6.05 -15.18 -5.39
CA ASP A 119 5.86 -14.69 -6.75
C ASP A 119 4.44 -14.26 -7.09
N GLY A 120 3.72 -13.89 -6.05
CA GLY A 120 2.37 -13.41 -6.21
C GLY A 120 1.36 -14.44 -5.81
N CYS A 121 1.09 -15.39 -6.71
CA CYS A 121 0.10 -16.41 -6.43
C CYS A 121 0.30 -16.97 -5.04
N ASP A 122 -0.77 -17.07 -4.27
CA ASP A 122 -0.72 -17.60 -2.92
C ASP A 122 0.01 -18.96 -2.82
N TYR A 123 0.69 -19.18 -1.68
CA TYR A 123 1.46 -20.40 -1.33
C TYR A 123 0.89 -21.13 -0.08
N ILE A 124 0.41 -20.37 0.90
CA ILE A 124 -0.19 -20.95 2.10
C ILE A 124 -0.71 -19.80 3.00
N ALA A 125 -1.63 -20.11 3.92
CA ALA A 125 -2.19 -19.10 4.81
C ALA A 125 -2.92 -19.78 5.94
N LEU A 126 -2.88 -19.18 7.14
CA LEU A 126 -3.56 -19.79 8.26
C LEU A 126 -5.02 -19.44 8.11
N ASN A 127 -5.88 -20.34 8.54
CA ASN A 127 -7.31 -20.11 8.44
C ASN A 127 -7.73 -19.28 9.62
N GLU A 128 -9.01 -18.94 9.67
CA GLU A 128 -9.59 -18.11 10.73
C GLU A 128 -9.42 -18.74 12.14
N ASP A 129 -9.83 -20.00 12.30
CA ASP A 129 -9.72 -20.73 13.58
C ASP A 129 -8.32 -20.73 14.23
N LEU A 130 -7.37 -20.20 13.47
CA LEU A 130 -5.97 -20.09 13.81
C LEU A 130 -5.33 -21.45 14.02
N LYS A 131 -5.99 -22.48 13.50
CA LYS A 131 -5.51 -23.83 13.68
C LYS A 131 -5.31 -24.56 12.36
N THR A 132 -6.10 -24.21 11.35
CA THR A 132 -6.00 -24.85 10.05
C THR A 132 -5.02 -24.18 9.07
N TRP A 133 -4.64 -24.90 8.02
CA TRP A 133 -3.72 -24.40 7.01
C TRP A 133 -4.30 -24.47 5.58
N THR A 134 -4.36 -23.34 4.92
CA THR A 134 -4.86 -23.29 3.56
C THR A 134 -3.70 -23.27 2.56
N ALA A 135 -3.08 -24.44 2.31
CA ALA A 135 -1.98 -24.52 1.35
C ALA A 135 -2.55 -24.36 -0.05
N ALA A 136 -1.82 -23.66 -0.92
CA ALA A 136 -2.28 -23.40 -2.28
C ALA A 136 -2.13 -24.54 -3.32
N ASP A 137 -0.90 -24.89 -3.68
CA ASP A 137 -0.74 -25.98 -4.63
C ASP A 137 0.00 -27.12 -3.98
N MET A 138 0.20 -28.20 -4.73
CA MET A 138 0.88 -29.43 -4.29
C MET A 138 2.22 -29.15 -3.57
N ALA A 139 3.00 -28.23 -4.15
CA ALA A 139 4.27 -27.83 -3.60
C ALA A 139 4.10 -27.00 -2.32
N ALA A 140 2.88 -26.56 -2.07
CA ALA A 140 2.62 -25.77 -0.89
C ALA A 140 1.96 -26.58 0.19
N GLN A 141 1.27 -27.64 -0.22
CA GLN A 141 0.58 -28.49 0.75
C GLN A 141 1.67 -29.31 1.48
N ILE A 142 2.83 -29.43 0.82
CA ILE A 142 3.97 -30.14 1.35
C ILE A 142 4.26 -29.53 2.68
N THR A 143 4.25 -28.20 2.69
CA THR A 143 4.50 -27.37 3.88
C THR A 143 3.35 -27.42 4.88
N ARG A 144 2.10 -27.32 4.41
CA ARG A 144 0.97 -27.40 5.33
C ARG A 144 1.15 -28.60 6.25
N ARG A 145 1.51 -29.73 5.68
CA ARG A 145 1.65 -30.94 6.49
C ARG A 145 2.77 -30.77 7.50
N LYS A 146 3.97 -30.51 6.99
CA LYS A 146 5.15 -30.32 7.83
C LYS A 146 4.91 -29.35 8.99
N TRP A 147 4.21 -28.26 8.72
CA TRP A 147 3.94 -27.33 9.79
C TRP A 147 3.00 -27.88 10.84
N GLU A 148 2.11 -28.81 10.50
CA GLU A 148 1.18 -29.36 11.52
C GLU A 148 1.92 -30.25 12.51
N GLN A 149 3.13 -30.68 12.14
CA GLN A 149 3.96 -31.59 12.93
C GLN A 149 4.52 -30.81 14.11
N ALA A 150 5.10 -29.64 13.85
CA ALA A 150 5.63 -28.83 14.93
C ALA A 150 4.53 -28.00 15.58
N GLY A 151 3.42 -27.86 14.89
CA GLY A 151 2.32 -27.10 15.46
C GLY A 151 2.35 -25.63 15.14
N ALA A 152 2.56 -25.32 13.87
CA ALA A 152 2.59 -23.94 13.46
C ALA A 152 1.35 -23.21 14.00
N ALA A 153 0.20 -23.85 13.97
CA ALA A 153 -0.99 -23.17 14.43
C ALA A 153 -1.00 -22.83 15.94
N GLU A 154 -0.26 -23.55 16.76
CA GLU A 154 -0.28 -23.15 18.16
C GLU A 154 0.79 -22.13 18.48
N TYR A 155 1.87 -22.11 17.69
CA TYR A 155 2.95 -21.16 17.89
C TYR A 155 2.54 -19.75 17.46
N TYR A 156 2.14 -19.60 16.20
CA TYR A 156 1.74 -18.29 15.67
C TYR A 156 0.50 -17.79 16.39
N ARG A 157 -0.53 -18.63 16.49
CA ARG A 157 -1.72 -18.19 17.19
C ARG A 157 -1.33 -17.60 18.54
N ALA A 158 -0.27 -18.11 19.15
CA ALA A 158 0.15 -17.61 20.47
C ALA A 158 0.54 -16.14 20.42
N TYR A 159 1.39 -15.79 19.45
CA TYR A 159 1.83 -14.41 19.24
C TYR A 159 0.61 -13.51 18.96
N LEU A 160 -0.27 -13.97 18.07
CA LEU A 160 -1.48 -13.23 17.70
C LEU A 160 -2.27 -12.80 18.93
N GLU A 161 -2.98 -13.74 19.55
CA GLU A 161 -3.84 -13.43 20.70
C GLU A 161 -3.33 -12.49 21.81
N GLY A 162 -2.14 -12.75 22.31
CA GLY A 162 -1.63 -11.88 23.34
C GLY A 162 -0.75 -10.73 22.84
N GLU A 163 0.51 -11.03 22.55
CA GLU A 163 1.46 -10.01 22.15
C GLU A 163 1.11 -9.02 21.05
N CYS A 164 0.66 -9.50 19.89
CA CYS A 164 0.31 -8.58 18.82
C CYS A 164 -0.67 -7.53 19.36
N VAL A 165 -1.69 -7.97 20.10
CA VAL A 165 -2.73 -7.09 20.71
C VAL A 165 -2.14 -6.20 21.79
N GLU A 166 -1.21 -6.79 22.49
CA GLU A 166 -0.50 -6.19 23.61
C GLU A 166 0.23 -4.94 23.12
N TRP A 167 1.19 -5.14 22.22
CA TRP A 167 1.96 -4.05 21.68
C TRP A 167 1.11 -3.02 20.95
N LEU A 168 0.06 -3.53 20.29
CA LEU A 168 -0.88 -2.69 19.56
C LEU A 168 -1.38 -1.67 20.57
N HIS A 169 -1.96 -2.18 21.66
CA HIS A 169 -2.47 -1.35 22.73
C HIS A 169 -1.45 -0.33 23.21
N ARG A 170 -0.19 -0.62 22.98
CA ARG A 170 0.85 0.29 23.38
C ARG A 170 0.98 1.40 22.33
N TYR A 171 1.09 1.02 21.08
CA TYR A 171 1.23 1.99 19.99
C TYR A 171 0.21 3.11 19.97
N LEU A 172 -1.05 2.69 20.04
CA LEU A 172 -2.20 3.60 20.01
C LEU A 172 -2.09 4.65 21.13
N LYS A 173 -1.69 4.18 22.31
CA LYS A 173 -1.54 5.05 23.48
C LYS A 173 -0.45 6.04 23.20
N ASN A 174 0.68 5.56 22.74
CA ASN A 174 1.77 6.44 22.47
C ASN A 174 1.46 7.46 21.40
N GLY A 175 0.74 7.07 20.35
CA GLY A 175 0.42 8.03 19.29
C GLY A 175 -1.06 8.40 19.11
N ASN A 176 -1.79 8.47 20.22
CA ASN A 176 -3.22 8.79 20.24
C ASN A 176 -3.62 10.10 19.59
N ALA A 177 -2.95 11.18 19.96
CA ALA A 177 -3.23 12.51 19.43
C ALA A 177 -3.03 12.61 17.94
N THR A 178 -2.11 11.84 17.40
CA THR A 178 -1.89 11.88 15.96
C THR A 178 -2.81 10.89 15.18
N LEU A 179 -2.72 9.62 15.53
CA LEU A 179 -3.45 8.53 14.85
C LEU A 179 -4.96 8.64 14.63
N LEU A 180 -5.65 9.32 15.53
CA LEU A 180 -7.10 9.41 15.40
C LEU A 180 -7.65 10.66 14.71
N ARG A 181 -6.76 11.42 14.08
CA ARG A 181 -7.16 12.62 13.39
C ARG A 181 -8.01 12.17 12.18
N THR A 182 -9.17 12.80 12.02
CA THR A 182 -10.05 12.46 10.92
C THR A 182 -10.23 13.71 10.11
N ASP A 183 -9.37 13.95 9.14
CA ASP A 183 -9.50 15.15 8.32
C ASP A 183 -10.66 15.04 7.32
N SER A 184 -11.61 15.97 7.41
CA SER A 184 -12.79 15.99 6.54
C SER A 184 -12.53 16.50 5.09
N PRO A 185 -13.29 15.99 4.11
CA PRO A 185 -13.03 16.45 2.75
C PRO A 185 -13.68 17.78 2.38
N LYS A 186 -13.02 18.43 1.42
CA LYS A 186 -13.39 19.72 0.87
C LYS A 186 -14.18 19.57 -0.43
N ALA A 187 -15.30 20.28 -0.48
CA ALA A 187 -16.21 20.31 -1.62
C ALA A 187 -15.63 21.05 -2.81
N HIS A 188 -15.95 20.56 -4.00
CA HIS A 188 -15.47 21.11 -5.26
C HIS A 188 -16.19 20.42 -6.44
N VAL A 189 -16.67 21.20 -7.40
CA VAL A 189 -17.32 20.60 -8.57
C VAL A 189 -16.61 21.24 -9.75
N THR A 190 -16.83 20.73 -10.95
CA THR A 190 -16.17 21.23 -12.14
C THR A 190 -16.98 20.86 -13.39
N HIS A 191 -16.93 21.70 -14.41
CA HIS A 191 -17.56 21.33 -15.67
C HIS A 191 -16.59 21.64 -16.78
N HIS A 192 -16.43 20.69 -17.72
CA HIS A 192 -15.50 20.77 -18.88
C HIS A 192 -16.10 21.03 -20.27
N PRO A 193 -15.29 21.59 -21.15
CA PRO A 193 -15.69 21.90 -22.54
C PRO A 193 -15.56 20.72 -23.53
N ARG A 194 -16.24 19.63 -23.23
CA ARG A 194 -16.18 18.45 -24.06
C ARG A 194 -16.89 18.68 -25.39
N SER A 195 -16.17 18.38 -26.47
CA SER A 195 -16.63 18.52 -27.88
C SER A 195 -18.03 18.04 -28.32
N LYS A 196 -18.74 17.33 -27.46
CA LYS A 196 -20.03 16.86 -27.92
C LYS A 196 -21.11 17.86 -27.66
N GLY A 197 -20.73 19.07 -27.29
CA GLY A 197 -21.71 20.03 -26.90
C GLY A 197 -22.24 19.57 -25.57
N GLU A 198 -21.34 18.93 -24.83
CA GLU A 198 -21.62 18.38 -23.52
C GLU A 198 -20.71 18.98 -22.47
N VAL A 199 -21.02 18.66 -21.23
CA VAL A 199 -20.28 19.16 -20.09
C VAL A 199 -19.83 17.96 -19.26
N THR A 200 -18.90 18.17 -18.35
CA THR A 200 -18.45 17.07 -17.51
C THR A 200 -18.29 17.58 -16.07
N LEU A 201 -19.25 17.22 -15.20
CA LEU A 201 -19.17 17.61 -13.79
C LEU A 201 -18.19 16.70 -13.06
N ARG A 202 -17.16 17.30 -12.48
CA ARG A 202 -16.13 16.56 -11.76
C ARG A 202 -16.22 16.90 -10.27
N CYS A 203 -16.70 15.92 -9.48
CA CYS A 203 -16.88 16.02 -8.04
C CYS A 203 -15.58 15.81 -7.33
N TRP A 204 -14.88 16.88 -6.99
CA TRP A 204 -13.56 16.79 -6.36
C TRP A 204 -13.46 16.92 -4.84
N ALA A 205 -12.93 15.85 -4.23
CA ALA A 205 -12.74 15.78 -2.81
C ALA A 205 -11.23 15.75 -2.54
N LEU A 206 -10.75 16.65 -1.69
CA LEU A 206 -9.31 16.67 -1.38
C LEU A 206 -8.99 16.71 0.13
N GLY A 207 -7.72 16.45 0.44
CA GLY A 207 -7.24 16.43 1.80
C GLY A 207 -8.13 15.72 2.81
N PHE A 208 -8.28 14.41 2.67
CA PHE A 208 -9.11 13.67 3.61
C PHE A 208 -8.37 12.51 4.21
N TYR A 209 -8.83 12.05 5.38
CA TYR A 209 -8.18 10.95 6.07
C TYR A 209 -9.12 10.54 7.17
N PRO A 210 -9.41 9.22 7.31
CA PRO A 210 -8.91 8.10 6.49
C PRO A 210 -9.34 8.12 5.04
N ALA A 211 -9.00 7.07 4.30
CA ALA A 211 -9.36 7.04 2.88
C ALA A 211 -10.71 6.40 2.54
N ASP A 212 -11.18 5.42 3.34
CA ASP A 212 -12.46 4.77 3.06
C ASP A 212 -13.49 5.91 2.82
N ILE A 213 -13.81 6.19 1.55
CA ILE A 213 -14.79 7.23 1.24
C ILE A 213 -15.77 6.84 0.15
N THR A 214 -17.04 7.18 0.40
CA THR A 214 -18.15 6.91 -0.52
C THR A 214 -18.39 8.21 -1.30
N LEU A 215 -18.61 8.09 -2.62
CA LEU A 215 -18.77 9.25 -3.48
C LEU A 215 -19.56 8.87 -4.75
N THR A 216 -20.67 9.58 -4.99
CA THR A 216 -21.54 9.31 -6.14
C THR A 216 -22.20 10.55 -6.68
N TRP A 217 -22.81 10.41 -7.85
CA TRP A 217 -23.55 11.47 -8.53
C TRP A 217 -25.01 11.09 -8.40
N GLN A 218 -25.85 12.09 -8.18
CA GLN A 218 -27.27 11.92 -7.94
C GLN A 218 -28.15 12.50 -9.02
N LEU A 219 -29.46 12.32 -8.80
CA LEU A 219 -30.57 12.85 -9.61
C LEU A 219 -31.86 12.50 -8.83
N ASN A 220 -32.33 13.41 -7.96
CA ASN A 220 -33.54 13.17 -7.15
C ASN A 220 -33.51 11.91 -6.21
N GLY A 221 -32.71 11.99 -5.14
CA GLY A 221 -32.66 10.88 -4.21
C GLY A 221 -32.05 9.60 -4.75
N GLU A 222 -32.51 9.15 -5.92
CA GLU A 222 -31.96 7.98 -6.60
C GLU A 222 -30.59 8.44 -7.11
N GLU A 223 -29.62 7.52 -7.02
CA GLU A 223 -28.23 7.77 -7.38
C GLU A 223 -27.75 7.21 -8.73
N LEU A 224 -27.26 8.12 -9.59
CA LEU A 224 -26.75 7.83 -10.93
C LEU A 224 -25.46 7.03 -10.84
N THR A 225 -25.52 5.92 -10.11
CA THR A 225 -24.37 5.03 -9.87
C THR A 225 -23.78 4.28 -11.06
N GLN A 226 -24.36 4.46 -12.24
CA GLN A 226 -23.85 3.76 -13.40
C GLN A 226 -22.91 4.54 -14.34
N ASP A 227 -23.23 5.81 -14.62
CA ASP A 227 -22.42 6.64 -15.55
C ASP A 227 -21.22 7.39 -14.94
N MET A 228 -21.10 7.36 -13.60
CA MET A 228 -20.03 8.05 -12.86
C MET A 228 -18.71 7.27 -12.73
N GLU A 229 -17.87 7.38 -13.77
CA GLU A 229 -16.56 6.73 -13.75
C GLU A 229 -15.75 7.62 -12.78
N LEU A 230 -15.22 7.02 -11.72
CA LEU A 230 -14.42 7.76 -10.74
C LEU A 230 -13.03 7.15 -10.62
N VAL A 231 -12.17 7.73 -9.79
CA VAL A 231 -10.80 7.22 -9.60
C VAL A 231 -10.61 6.12 -8.55
N GLU A 232 -9.34 5.81 -8.32
CA GLU A 232 -8.91 4.82 -7.34
C GLU A 232 -8.28 5.74 -6.28
N THR A 233 -8.84 5.71 -5.08
CA THR A 233 -8.39 6.53 -3.94
C THR A 233 -6.88 6.53 -3.88
N ARG A 234 -6.30 7.67 -4.21
CA ARG A 234 -4.86 7.88 -4.30
C ARG A 234 -4.26 8.89 -3.31
N PRO A 235 -3.04 8.62 -2.79
CA PRO A 235 -2.25 9.41 -1.81
C PRO A 235 -1.77 10.79 -2.31
N ALA A 236 -2.44 11.84 -1.86
CA ALA A 236 -2.13 13.21 -2.28
C ALA A 236 -0.69 13.50 -2.15
N GLY A 237 -0.18 13.37 -0.91
CA GLY A 237 1.24 13.64 -0.66
C GLY A 237 1.63 13.79 0.80
N ASP A 238 1.20 14.88 1.43
CA ASP A 238 1.54 15.11 2.83
C ASP A 238 1.06 13.98 3.75
N GLY A 239 -0.16 13.50 3.53
CA GLY A 239 -0.67 12.43 4.38
C GLY A 239 -2.15 12.24 4.11
N THR A 240 -2.79 13.34 3.71
CA THR A 240 -4.21 13.38 3.38
C THR A 240 -4.26 12.98 1.93
N PHE A 241 -5.27 12.19 1.56
CA PHE A 241 -5.41 11.67 0.20
C PHE A 241 -6.43 12.50 -0.57
N GLN A 242 -6.89 11.93 -1.67
CA GLN A 242 -7.94 12.52 -2.51
C GLN A 242 -8.65 11.50 -3.40
N LYS A 243 -9.80 11.92 -3.94
CA LYS A 243 -10.65 11.13 -4.85
C LYS A 243 -11.49 12.06 -5.79
N TRP A 244 -11.93 11.57 -6.96
CA TRP A 244 -12.76 12.39 -7.86
C TRP A 244 -13.80 11.59 -8.65
N ALA A 245 -14.91 12.23 -9.01
CA ALA A 245 -16.01 11.57 -9.74
C ALA A 245 -16.31 12.22 -11.08
N SER A 246 -16.83 11.44 -12.03
CA SER A 246 -17.13 11.96 -13.36
C SER A 246 -18.50 11.57 -13.96
N VAL A 247 -19.21 12.56 -14.50
CA VAL A 247 -20.50 12.34 -15.17
C VAL A 247 -20.63 13.33 -16.34
N VAL A 248 -20.71 12.77 -17.56
CA VAL A 248 -20.81 13.57 -18.78
C VAL A 248 -22.22 14.07 -19.01
N VAL A 249 -22.39 15.38 -18.91
CA VAL A 249 -23.72 15.96 -19.02
C VAL A 249 -23.77 17.15 -19.95
N PRO A 250 -24.66 17.11 -20.95
CA PRO A 250 -24.90 18.17 -21.95
C PRO A 250 -25.32 19.47 -21.24
N LEU A 251 -25.14 20.62 -21.90
CA LEU A 251 -25.49 21.92 -21.30
C LEU A 251 -26.96 22.08 -20.91
N GLY A 252 -27.26 23.17 -20.22
CA GLY A 252 -28.63 23.45 -19.81
C GLY A 252 -29.27 22.54 -18.79
N LYS A 253 -29.37 21.26 -19.11
CA LYS A 253 -29.98 20.33 -18.17
C LYS A 253 -29.04 20.00 -17.00
N GLU A 254 -27.77 20.38 -17.15
CA GLU A 254 -26.74 20.13 -16.13
C GLU A 254 -27.14 20.47 -14.69
N GLN A 255 -27.56 21.71 -14.47
CA GLN A 255 -27.99 22.20 -13.15
C GLN A 255 -28.77 21.20 -12.26
N ASN A 256 -29.38 20.20 -12.87
CA ASN A 256 -30.16 19.20 -12.15
C ASN A 256 -29.32 18.12 -11.49
N TYR A 257 -28.23 17.73 -12.15
CA TYR A 257 -27.35 16.67 -11.65
C TYR A 257 -26.58 17.17 -10.45
N THR A 258 -26.26 16.24 -9.54
CA THR A 258 -25.53 16.57 -8.32
C THR A 258 -24.57 15.50 -7.91
N CYS A 259 -23.77 15.85 -6.91
CA CYS A 259 -22.77 14.96 -6.34
C CYS A 259 -23.01 14.80 -4.85
N ARG A 260 -22.52 13.70 -4.31
CA ARG A 260 -22.66 13.40 -2.90
C ARG A 260 -21.41 12.70 -2.40
N VAL A 261 -20.94 13.20 -1.26
CA VAL A 261 -19.75 12.71 -0.61
C VAL A 261 -20.02 12.30 0.86
N TYR A 262 -19.82 11.01 1.11
CA TYR A 262 -20.03 10.37 2.40
C TYR A 262 -18.67 10.07 2.99
N HIS A 263 -18.47 10.43 4.25
CA HIS A 263 -17.19 10.17 4.89
C HIS A 263 -17.22 10.36 6.40
N GLU A 264 -16.50 9.47 7.06
CA GLU A 264 -16.37 9.42 8.50
C GLU A 264 -15.54 10.64 8.96
N GLY A 265 -16.22 11.75 9.20
CA GLY A 265 -15.58 13.00 9.63
C GLY A 265 -16.43 14.23 9.32
N LEU A 266 -17.70 14.00 8.97
CA LEU A 266 -18.66 15.02 8.61
C LEU A 266 -19.84 14.92 9.60
N PRO A 267 -20.44 16.07 9.99
CA PRO A 267 -21.58 16.10 10.94
C PRO A 267 -22.91 15.82 10.23
N GLU A 268 -22.91 16.13 8.94
CA GLU A 268 -24.04 15.93 8.05
C GLU A 268 -23.45 15.71 6.65
N PRO A 269 -23.73 14.54 6.06
CA PRO A 269 -23.26 14.14 4.73
C PRO A 269 -23.29 15.31 3.73
N LEU A 270 -22.42 15.32 2.75
CA LEU A 270 -22.44 16.44 1.85
C LEU A 270 -23.03 16.22 0.48
N THR A 271 -23.92 17.15 0.12
CA THR A 271 -24.65 17.16 -1.13
C THR A 271 -24.19 18.41 -1.88
N LEU A 272 -23.64 18.26 -3.07
CA LEU A 272 -23.18 19.39 -3.86
C LEU A 272 -23.95 19.44 -5.16
N ILE B 1 4.60 -14.65 -11.21
CA ILE B 1 3.55 -14.09 -12.12
C ILE B 1 3.71 -12.57 -12.14
N GLN B 2 3.43 -11.94 -13.28
CA GLN B 2 3.52 -10.48 -13.41
C GLN B 2 2.17 -9.73 -13.50
N LYS B 3 2.10 -8.59 -12.83
CA LYS B 3 0.91 -7.75 -12.84
C LYS B 3 1.43 -6.41 -13.36
N THR B 4 0.77 -5.84 -14.38
CA THR B 4 1.23 -4.59 -15.01
C THR B 4 0.91 -3.29 -14.26
N PRO B 5 1.88 -2.36 -14.21
CA PRO B 5 1.84 -1.05 -13.55
C PRO B 5 0.74 -0.16 -13.97
N GLN B 6 -0.17 0.15 -13.06
CA GLN B 6 -1.21 1.09 -13.40
C GLN B 6 -0.69 2.47 -13.00
N ILE B 7 -0.57 3.37 -13.98
CA ILE B 7 -0.06 4.70 -13.73
C ILE B 7 -1.15 5.74 -13.58
N GLN B 8 -1.08 6.52 -12.53
CA GLN B 8 -2.03 7.59 -12.28
C GLN B 8 -1.12 8.80 -12.14
N VAL B 9 -1.55 9.95 -12.64
CA VAL B 9 -0.75 11.16 -12.47
C VAL B 9 -1.73 12.20 -12.00
N TYR B 10 -1.21 13.15 -11.21
CA TYR B 10 -2.02 14.25 -10.69
C TYR B 10 -1.21 15.20 -9.78
N SER B 11 -1.71 16.43 -9.65
CA SER B 11 -1.08 17.45 -8.83
C SER B 11 -1.48 17.26 -7.38
N ARG B 12 -0.91 18.07 -6.50
CA ARG B 12 -1.23 17.97 -5.09
C ARG B 12 -2.34 18.96 -4.72
N HIS B 13 -2.63 19.84 -5.66
CA HIS B 13 -3.64 20.88 -5.45
C HIS B 13 -4.22 21.37 -6.78
N PRO B 14 -5.34 22.10 -6.71
CA PRO B 14 -5.91 22.61 -7.95
C PRO B 14 -4.80 23.52 -8.49
N PRO B 15 -4.42 23.37 -9.79
CA PRO B 15 -3.36 24.21 -10.38
C PRO B 15 -3.78 25.58 -10.94
N GLU B 16 -3.02 26.61 -10.57
CA GLU B 16 -3.21 27.98 -11.05
C GLU B 16 -1.77 28.37 -11.44
N ASN B 17 -1.44 28.16 -12.72
CA ASN B 17 -0.10 28.39 -13.27
C ASN B 17 0.76 29.36 -12.50
N GLY B 18 1.84 28.87 -11.94
CA GLY B 18 2.72 29.75 -11.21
C GLY B 18 3.14 29.22 -9.86
N LYS B 19 2.13 28.93 -9.04
CA LYS B 19 2.32 28.42 -7.69
C LYS B 19 3.10 27.07 -7.61
N PRO B 20 4.24 27.07 -6.91
CA PRO B 20 5.08 25.88 -6.75
C PRO B 20 4.29 24.65 -6.24
N ASN B 21 4.00 23.73 -7.14
CA ASN B 21 3.23 22.56 -6.78
C ASN B 21 4.08 21.27 -6.78
N ILE B 22 3.46 20.17 -6.34
CA ILE B 22 4.08 18.84 -6.27
C ILE B 22 3.40 17.87 -7.23
N LEU B 23 3.98 17.65 -8.41
CA LEU B 23 3.37 16.74 -9.40
C LEU B 23 3.73 15.29 -9.12
N ASN B 24 2.75 14.49 -8.75
CA ASN B 24 2.99 13.09 -8.42
C ASN B 24 2.86 12.20 -9.62
N CYS B 25 3.12 10.91 -9.36
CA CYS B 25 3.01 9.86 -10.35
C CYS B 25 2.89 8.52 -9.60
N TYR B 26 1.69 8.27 -9.04
CA TYR B 26 1.36 7.07 -8.28
C TYR B 26 1.26 5.80 -9.14
N VAL B 27 1.87 4.72 -8.71
CA VAL B 27 1.83 3.46 -9.48
C VAL B 27 1.00 2.41 -8.70
N THR B 28 0.58 1.31 -9.31
CA THR B 28 -0.23 0.32 -8.59
C THR B 28 -0.35 -0.96 -9.34
N GLN B 29 -0.25 -2.10 -8.66
CA GLN B 29 -0.37 -3.41 -9.29
C GLN B 29 0.84 -3.93 -10.07
N PHE B 30 2.02 -3.31 -9.94
CA PHE B 30 3.18 -3.83 -10.64
C PHE B 30 3.78 -4.96 -9.82
N HIS B 31 4.38 -5.93 -10.50
CA HIS B 31 4.99 -7.07 -9.81
C HIS B 31 5.62 -8.03 -10.81
N PRO B 32 6.88 -8.43 -10.57
CA PRO B 32 7.83 -8.09 -9.49
C PRO B 32 8.23 -6.62 -9.29
N PRO B 33 8.49 -6.25 -8.02
CA PRO B 33 8.87 -4.89 -7.55
C PRO B 33 9.91 -4.10 -8.38
N HIS B 34 10.66 -4.76 -9.27
CA HIS B 34 11.67 -3.99 -9.98
C HIS B 34 11.15 -3.15 -11.10
N ILE B 35 10.94 -1.87 -10.80
CA ILE B 35 10.38 -0.94 -11.77
C ILE B 35 11.26 0.32 -11.93
N GLU B 36 11.34 0.81 -13.15
CA GLU B 36 12.13 2.00 -13.46
C GLU B 36 11.14 3.16 -13.64
N ILE B 37 11.37 4.30 -13.01
CA ILE B 37 10.45 5.44 -13.16
C ILE B 37 11.20 6.65 -13.75
N GLN B 38 10.55 7.48 -14.55
CA GLN B 38 11.24 8.65 -15.05
C GLN B 38 10.28 9.83 -15.12
N MET B 39 10.62 10.94 -14.45
CA MET B 39 9.79 12.15 -14.50
C MET B 39 10.29 13.02 -15.68
N LEU B 40 9.33 13.50 -16.45
CA LEU B 40 9.59 14.27 -17.67
C LEU B 40 8.87 15.59 -17.80
N LYS B 41 9.29 16.32 -18.81
CA LYS B 41 8.72 17.61 -19.17
C LYS B 41 9.27 17.93 -20.54
N ASN B 42 8.40 17.88 -21.54
CA ASN B 42 8.82 18.20 -22.90
C ASN B 42 10.05 17.39 -23.34
N GLY B 43 10.30 16.27 -22.65
CA GLY B 43 11.45 15.43 -22.96
C GLY B 43 12.77 15.56 -22.19
N LYS B 44 12.94 16.65 -21.44
CA LYS B 44 14.14 16.89 -20.63
C LYS B 44 13.87 16.17 -19.31
N LYS B 45 14.61 15.11 -19.02
CA LYS B 45 14.40 14.35 -17.78
C LYS B 45 14.52 15.25 -16.56
N ILE B 46 13.43 15.31 -15.80
CA ILE B 46 13.42 16.12 -14.61
C ILE B 46 14.43 15.46 -13.71
N PRO B 47 15.43 16.23 -13.27
CA PRO B 47 16.47 15.69 -12.40
C PRO B 47 15.99 15.25 -11.00
N LYS B 48 15.33 16.13 -10.27
CA LYS B 48 14.89 15.81 -8.91
C LYS B 48 13.57 15.05 -8.80
N VAL B 49 13.57 13.92 -8.12
CA VAL B 49 12.37 13.09 -7.99
C VAL B 49 12.25 12.56 -6.56
N GLU B 50 11.40 11.55 -6.38
CA GLU B 50 11.14 10.92 -5.10
C GLU B 50 10.78 9.42 -5.20
N MET B 51 10.84 8.71 -4.09
CA MET B 51 10.50 7.29 -4.05
C MET B 51 9.98 6.97 -2.65
N SER B 52 8.67 7.04 -2.49
CA SER B 52 8.11 6.82 -1.16
C SER B 52 6.99 5.80 -1.08
N ASP B 53 6.87 5.22 0.12
CA ASP B 53 5.87 4.23 0.48
C ASP B 53 5.99 2.89 -0.25
N MET B 54 7.22 2.52 -0.65
CA MET B 54 7.41 1.24 -1.37
C MET B 54 6.94 0.08 -0.53
N SER B 55 5.65 -0.21 -0.63
CA SER B 55 5.07 -1.28 0.14
C SER B 55 4.19 -2.13 -0.75
N PHE B 56 3.33 -2.95 -0.14
CA PHE B 56 2.42 -3.78 -0.87
C PHE B 56 1.07 -4.09 -0.20
N SER B 57 0.04 -4.04 -1.03
CA SER B 57 -1.30 -4.33 -0.59
C SER B 57 -1.40 -5.85 -0.52
N LYS B 58 -2.47 -6.37 0.07
CA LYS B 58 -2.69 -7.82 0.21
C LYS B 58 -2.63 -8.66 -1.09
N ASP B 59 -2.96 -7.99 -2.20
CA ASP B 59 -2.96 -8.54 -3.55
C ASP B 59 -1.53 -8.81 -4.01
N TRP B 60 -0.59 -8.69 -3.06
CA TRP B 60 0.85 -8.89 -3.25
C TRP B 60 1.42 -7.99 -4.36
N SER B 61 0.83 -6.79 -4.52
CA SER B 61 1.25 -5.79 -5.54
C SER B 61 2.04 -4.63 -4.92
N PHE B 62 3.29 -4.48 -5.35
CA PHE B 62 4.18 -3.43 -4.82
C PHE B 62 3.95 -2.11 -5.50
N TYR B 63 3.97 -1.02 -4.74
CA TYR B 63 3.74 0.28 -5.33
C TYR B 63 4.65 1.43 -4.92
N ILE B 64 4.46 2.58 -5.54
CA ILE B 64 5.27 3.74 -5.20
C ILE B 64 4.57 5.09 -5.49
N LEU B 65 5.26 6.16 -5.10
CA LEU B 65 4.77 7.50 -5.29
C LEU B 65 5.99 8.37 -5.52
N ALA B 66 6.07 8.90 -6.74
CA ALA B 66 7.16 9.75 -7.16
C ALA B 66 6.59 11.11 -7.49
N HIS B 67 7.33 12.15 -7.17
CA HIS B 67 6.88 13.51 -7.44
C HIS B 67 8.02 14.50 -7.56
N THR B 68 7.87 15.41 -8.50
CA THR B 68 8.83 16.46 -8.75
C THR B 68 8.20 17.79 -8.37
N GLU B 69 9.00 18.84 -8.49
CA GLU B 69 8.52 20.17 -8.17
C GLU B 69 8.18 20.82 -9.52
N PHE B 70 7.00 20.49 -10.05
CA PHE B 70 6.59 21.03 -11.34
C PHE B 70 5.95 22.39 -11.15
N THR B 71 5.87 23.16 -12.22
CA THR B 71 5.22 24.46 -12.16
C THR B 71 4.40 24.65 -13.46
N PRO B 72 3.07 24.64 -13.31
CA PRO B 72 2.11 24.79 -14.42
C PRO B 72 2.30 26.02 -15.29
N THR B 73 2.21 25.80 -16.60
CA THR B 73 2.33 26.83 -17.65
C THR B 73 1.57 26.29 -18.86
N GLU B 74 0.41 26.88 -19.11
CA GLU B 74 -0.49 26.48 -20.22
C GLU B 74 0.13 26.04 -21.57
N THR B 75 1.38 26.46 -21.81
CA THR B 75 2.07 26.13 -23.04
C THR B 75 2.90 24.85 -22.99
N ASP B 76 3.44 24.53 -21.81
CA ASP B 76 4.26 23.33 -21.59
C ASP B 76 3.40 22.10 -21.42
N THR B 77 4.05 20.97 -21.19
CA THR B 77 3.33 19.73 -20.98
C THR B 77 4.22 18.71 -20.28
N TYR B 78 3.71 18.21 -19.14
CA TYR B 78 4.44 17.25 -18.32
C TYR B 78 4.03 15.82 -18.63
N ALA B 79 4.75 14.89 -18.00
CA ALA B 79 4.49 13.47 -18.14
C ALA B 79 5.25 12.65 -17.11
N CYS B 80 5.06 11.34 -17.19
CA CYS B 80 5.74 10.39 -16.32
C CYS B 80 6.03 9.07 -17.09
N ARG B 81 7.29 8.68 -17.18
CA ARG B 81 7.66 7.46 -17.89
C ARG B 81 7.89 6.36 -16.84
N VAL B 82 7.78 5.10 -17.28
CA VAL B 82 7.97 3.94 -16.40
C VAL B 82 8.17 2.62 -17.15
N LYS B 83 9.22 1.89 -16.72
CA LYS B 83 9.60 0.58 -17.26
C LYS B 83 9.30 -0.46 -16.21
N HIS B 84 8.81 -1.61 -16.68
CA HIS B 84 8.49 -2.73 -15.81
C HIS B 84 8.40 -4.02 -16.63
N ASP B 85 9.25 -4.99 -16.29
CA ASP B 85 9.31 -6.29 -16.98
C ASP B 85 8.08 -6.80 -17.69
N SER B 86 6.91 -6.64 -17.07
CA SER B 86 5.64 -7.10 -17.64
C SER B 86 5.10 -6.31 -18.84
N MET B 87 6.00 -5.94 -19.76
CA MET B 87 5.64 -5.21 -20.98
C MET B 87 6.84 -5.00 -21.89
N ALA B 88 6.64 -5.11 -23.20
CA ALA B 88 7.71 -4.91 -24.20
C ALA B 88 8.55 -3.61 -24.05
N GLU B 89 7.90 -2.44 -24.18
CA GLU B 89 8.57 -1.14 -24.04
C GLU B 89 7.80 -0.24 -23.04
N PRO B 90 8.51 0.75 -22.42
CA PRO B 90 8.02 1.72 -21.43
C PRO B 90 6.80 2.56 -21.81
N LYS B 91 5.86 2.69 -20.87
CA LYS B 91 4.67 3.47 -21.14
C LYS B 91 4.87 4.94 -20.67
N THR B 92 4.23 5.88 -21.37
CA THR B 92 4.34 7.31 -21.05
C THR B 92 2.99 8.02 -20.88
N VAL B 93 2.83 8.65 -19.71
CA VAL B 93 1.63 9.37 -19.29
C VAL B 93 1.83 10.89 -19.14
N TYR B 94 1.35 11.62 -20.16
CA TYR B 94 1.41 13.09 -20.20
C TYR B 94 0.21 13.52 -19.40
N TRP B 95 0.46 14.38 -18.42
CA TRP B 95 -0.52 14.85 -17.47
C TRP B 95 -1.66 15.74 -18.00
N ASP B 96 -2.90 15.43 -17.63
CA ASP B 96 -4.04 16.27 -18.05
C ASP B 96 -4.54 17.10 -16.86
N ARG B 97 -4.31 18.42 -16.96
CA ARG B 97 -4.66 19.42 -15.95
C ARG B 97 -5.74 19.16 -14.89
N ASP B 98 -6.95 18.87 -15.36
CA ASP B 98 -8.09 18.64 -14.48
C ASP B 98 -8.36 17.20 -14.04
N MET B 99 -7.35 16.33 -14.14
CA MET B 99 -7.49 14.94 -13.67
C MET B 99 -6.65 14.66 -12.42
N ALA C 1 5.74 -4.67 16.81
CA ALA C 1 6.60 -5.70 17.41
C ALA C 1 6.59 -6.90 16.48
N PRO C 2 7.57 -6.95 15.56
CA PRO C 2 7.81 -7.98 14.55
C PRO C 2 8.17 -9.28 15.22
N ALA C 3 7.41 -10.33 14.94
CA ALA C 3 7.68 -11.64 15.54
C ALA C 3 8.70 -12.46 14.74
N ALA C 4 9.18 -13.53 15.36
CA ALA C 4 10.14 -14.42 14.74
C ALA C 4 9.44 -15.64 14.09
N ALA C 5 9.98 -16.10 12.95
CA ALA C 5 9.41 -17.25 12.28
C ALA C 5 10.48 -18.33 12.26
N ALA C 6 10.39 -19.27 13.22
CA ALA C 6 11.35 -20.37 13.35
C ALA C 6 11.17 -21.46 12.23
N ALA C 7 9.99 -22.09 12.24
CA ALA C 7 9.65 -23.14 11.28
C ALA C 7 9.82 -22.67 9.85
N ALA C 8 10.87 -23.15 9.21
CA ALA C 8 11.15 -22.82 7.85
C ALA C 8 9.87 -23.05 7.08
N MET C 9 9.64 -22.26 6.03
CA MET C 9 8.46 -22.34 5.14
C MET C 9 8.81 -23.31 4.00
N GLN D 1 6.33 -4.45 16.70
CA GLN D 1 6.84 -5.66 17.37
C GLN D 1 6.81 -6.84 16.41
N LEU D 2 7.82 -7.00 15.57
CA LEU D 2 7.81 -8.11 14.63
C LEU D 2 8.23 -9.39 15.31
N SER D 3 7.46 -10.43 15.05
CA SER D 3 7.67 -11.78 15.63
C SER D 3 8.70 -12.61 14.88
N PRO D 4 9.36 -13.55 15.58
CA PRO D 4 10.36 -14.42 14.98
C PRO D 4 9.73 -15.60 14.20
N PHE D 5 10.48 -16.15 13.24
CA PHE D 5 10.00 -17.28 12.46
C PHE D 5 10.97 -18.46 12.38
N PRO D 6 10.75 -19.53 13.18
CA PRO D 6 11.62 -20.72 13.19
C PRO D 6 11.25 -21.66 12.05
N PHE D 7 10.02 -22.20 12.09
CA PHE D 7 9.51 -23.13 11.07
C PHE D 7 9.85 -22.67 9.65
N ASP D 8 10.87 -23.25 9.08
CA ASP D 8 11.22 -22.88 7.75
C ASP D 8 10.13 -23.36 6.83
N LEU D 9 9.68 -22.46 5.95
CA LEU D 9 8.66 -22.71 4.97
C LEU D 9 9.15 -23.72 3.90
#